data_4KQY
#
_entry.id   4KQY
#
_cell.length_a   58.732
_cell.length_b   58.732
_cell.length_c   204.091
_cell.angle_alpha   90.00
_cell.angle_beta   90.00
_cell.angle_gamma   120.00
#
_symmetry.space_group_name_H-M   'P 31 2 1'
#
loop_
_entity.id
_entity.type
_entity.pdbx_description
1 polymer 'YitJ S box/SAM-I riboswitch'
2 non-polymer S-ADENOSYLMETHIONINE
3 non-polymer 'MAGNESIUM ION'
4 water water
#
_entity_poly.entity_id   1
_entity_poly.type   'polyribonucleotide'
_entity_poly.pdbx_seq_one_letter_code
;GUUCUUAUCAAGAGAAGCAGAGGGACUGGCCCGACGAAGCUUCAGCAACCGGUGUAAUGGCGAAAGCCAUGACCAAGGUG
CUAAAUCCAGCAAGCUCGAACAGCUUGGAAGAUAAGAAC
;
_entity_poly.pdbx_strand_id   A
#